data_4RVZ
#
_entry.id   4RVZ
#
_cell.length_a   69.623
_cell.length_b   69.623
_cell.length_c   211.269
_cell.angle_alpha   90.00
_cell.angle_beta   90.00
_cell.angle_gamma   90.00
#
_symmetry.space_group_name_H-M   'P 41 21 2'
#
loop_
_entity.id
_entity.type
_entity.pdbx_description
1 polymer 'tRNA(Ile2) 2-agmatinylcytidine synthetase TiaS'
2 non-polymer 'ZINC ION'
3 non-polymer 'PHOSPHOMETHYLPHOSPHONIC ACID ADENYLATE ESTER'
4 non-polymer 'MAGNESIUM ION'
5 non-polymer N-(4-aminobutyl)-2-azidoacetamide
#
_entity_poly.entity_id   1
_entity_poly.type   'polypeptide(L)'
_entity_poly.pdbx_seq_one_letter_code
;MRVWVGIDDTDSSRGMC(TPO)TYLAVLAMERVERELGKVIGFPRLIRLNPTIPYKTRGNGAVSFLVEVDDVGELVDVVN
EVIIEHAMLDDEKTNPGAVFVDEELAVKLKPFADKAIKDVLQIDEALFVIGKYFIPHLRHKKGRGLIGALAAVGAELEDF
TLELIAYRYPERFGTEREYDEESFFDMDYELYPQTFDNVDWCNDVVVCIPNTPCPVLYGIRGESVEALYKAMESVKTEPV
DRRMIFVTNHATDMHLIGEEEVHRLENYRSYRLRGRVTLEPYDIEGGHVFFEIDTKFGSVKCAAFEPTKQFRNVIRLLRK
GDVVEVYGSMKKDTINLEKIQIVELAEIWVEKNPICPSCGRRMESAGRGQGFRCKKCRTKADEKLREKVERELQPGFYEV
PPSARRHLSKPLIRMNVEGRHIFR
;
_entity_poly.pdbx_strand_id   Z
#
# COMPACT_ATOMS: atom_id res chain seq x y z
N MET A 1 -12.55 4.52 -33.99
CA MET A 1 -11.20 4.83 -33.53
C MET A 1 -10.95 4.28 -32.14
N ARG A 2 -9.68 4.18 -31.77
CA ARG A 2 -9.29 3.71 -30.42
C ARG A 2 -9.32 4.85 -29.39
N VAL A 3 -9.98 4.59 -28.26
CA VAL A 3 -10.22 5.62 -27.25
C VAL A 3 -10.10 5.08 -25.82
N TRP A 4 -9.34 5.79 -24.97
CA TRP A 4 -9.25 5.47 -23.55
C TRP A 4 -10.40 6.07 -22.74
N VAL A 5 -11.13 5.24 -22.01
CA VAL A 5 -12.19 5.76 -21.15
C VAL A 5 -11.75 5.66 -19.71
N GLY A 6 -11.81 6.77 -18.99
CA GLY A 6 -11.45 6.77 -17.58
C GLY A 6 -12.56 7.20 -16.65
N ILE A 7 -12.78 6.43 -15.59
CA ILE A 7 -13.79 6.73 -14.58
C ILE A 7 -13.25 6.67 -13.14
N ASP A 8 -13.58 7.66 -12.31
CA ASP A 8 -13.76 7.40 -10.87
C ASP A 8 -14.73 8.30 -10.06
N ASP A 9 -14.68 8.10 -8.74
CA ASP A 9 -15.58 8.72 -7.77
C ASP A 9 -17.05 8.31 -7.94
N THR A 10 -17.25 7.04 -8.25
CA THR A 10 -18.57 6.47 -8.45
C THR A 10 -18.94 5.56 -7.31
N ASP A 11 -18.44 5.81 -6.12
CA ASP A 11 -18.82 4.95 -5.01
C ASP A 11 -19.18 5.74 -3.76
N SER A 12 -20.17 5.24 -3.03
CA SER A 12 -20.44 5.76 -1.70
C SER A 12 -20.10 4.63 -0.76
N SER A 13 -20.23 4.87 0.54
CA SER A 13 -19.99 3.83 1.52
C SER A 13 -21.18 2.87 1.62
N ARG A 14 -21.98 2.78 0.56
CA ARG A 14 -23.23 2.03 0.61
C ARG A 14 -23.20 0.69 -0.13
N GLY A 15 -22.96 0.71 -1.45
CA GLY A 15 -23.04 -0.51 -2.23
C GLY A 15 -22.70 -0.38 -3.70
N MET A 16 -21.91 0.62 -4.03
CA MET A 16 -21.32 0.68 -5.35
C MET A 16 -19.83 0.68 -5.18
N CYS A 17 -19.12 0.41 -6.25
CA CYS A 17 -17.72 0.82 -6.33
C CYS A 17 -17.34 1.03 -7.78
N THR A 19 -15.22 0.36 -10.63
CA THR A 19 -14.79 -0.99 -11.06
C THR A 19 -16.04 -1.77 -11.40
N TYR A 20 -16.93 -1.93 -10.41
CA TYR A 20 -18.18 -2.61 -10.70
C TYR A 20 -18.95 -1.76 -11.70
N LEU A 21 -18.96 -0.46 -11.46
CA LEU A 21 -19.54 0.45 -12.42
C LEU A 21 -18.82 0.33 -13.75
N ALA A 22 -17.49 0.25 -13.69
CA ALA A 22 -16.65 0.16 -14.87
C ALA A 22 -16.82 -1.16 -15.62
N VAL A 23 -17.06 -2.22 -14.86
CA VAL A 23 -17.29 -3.53 -15.45
C VAL A 23 -18.62 -3.56 -16.19
N LEU A 24 -19.61 -2.91 -15.60
CA LEU A 24 -20.91 -2.76 -16.23
C LEU A 24 -20.72 -1.96 -17.49
N ALA A 25 -20.11 -0.78 -17.35
CA ALA A 25 -19.86 0.07 -18.51
C ALA A 25 -19.14 -0.69 -19.62
N MET A 26 -18.20 -1.55 -19.26
CA MET A 26 -17.54 -2.39 -20.24
C MET A 26 -18.57 -3.27 -20.97
N GLU A 27 -19.30 -4.08 -20.23
CA GLU A 27 -20.30 -4.99 -20.80
C GLU A 27 -21.19 -4.31 -21.84
N ARG A 28 -21.68 -3.12 -21.50
CA ARG A 28 -22.57 -2.39 -22.38
C ARG A 28 -21.90 -1.93 -23.68
N VAL A 29 -20.62 -1.61 -23.61
CA VAL A 29 -19.86 -1.23 -24.80
C VAL A 29 -19.66 -2.43 -25.73
N GLU A 30 -19.40 -3.60 -25.14
CA GLU A 30 -19.20 -4.82 -25.91
C GLU A 30 -20.42 -5.15 -26.75
N ARG A 31 -21.58 -4.65 -26.30
CA ARG A 31 -22.85 -4.97 -26.95
C ARG A 31 -23.39 -3.89 -27.90
N GLU A 32 -23.05 -2.62 -27.66
CA GLU A 32 -23.52 -1.54 -28.52
C GLU A 32 -22.52 -0.98 -29.54
N LEU A 33 -21.33 -0.60 -29.07
CA LEU A 33 -20.39 0.21 -29.86
C LEU A 33 -19.18 -0.49 -30.50
N GLY A 34 -18.58 -1.44 -29.77
CA GLY A 34 -17.36 -2.09 -30.21
C GLY A 34 -16.82 -3.04 -29.15
N LYS A 35 -15.49 -3.14 -29.05
CA LYS A 35 -14.89 -4.09 -28.11
C LYS A 35 -13.75 -3.49 -27.26
N VAL A 36 -13.60 -4.03 -26.05
CA VAL A 36 -12.56 -3.60 -25.13
C VAL A 36 -11.21 -4.26 -25.46
N ILE A 37 -10.24 -3.43 -25.82
CA ILE A 37 -8.91 -3.87 -26.18
C ILE A 37 -8.05 -4.06 -24.91
N GLY A 38 -7.78 -5.32 -24.57
CA GLY A 38 -6.94 -5.61 -23.42
C GLY A 38 -7.70 -5.72 -22.11
N PHE A 39 -7.02 -5.34 -21.02
CA PHE A 39 -7.57 -5.37 -19.67
C PHE A 39 -7.91 -3.96 -19.17
N PRO A 40 -8.82 -3.85 -18.21
CA PRO A 40 -8.99 -2.52 -17.64
C PRO A 40 -7.84 -2.21 -16.70
N ARG A 41 -7.59 -0.93 -16.42
CA ARG A 41 -6.56 -0.57 -15.48
C ARG A 41 -7.16 -0.08 -14.17
N LEU A 42 -6.60 -0.56 -13.05
CA LEU A 42 -7.04 -0.10 -11.74
C LEU A 42 -5.91 0.67 -11.06
N ILE A 43 -5.87 1.97 -11.29
CA ILE A 43 -4.83 2.87 -10.81
C ILE A 43 -5.14 3.52 -9.43
N ARG A 44 -4.56 2.96 -8.38
CA ARG A 44 -4.51 3.62 -7.06
C ARG A 44 -3.74 4.94 -7.08
N LEU A 45 -4.24 5.89 -6.30
CA LEU A 45 -3.68 7.23 -6.30
C LEU A 45 -3.23 7.59 -4.89
N ASN A 46 -2.65 8.77 -4.75
CA ASN A 46 -2.23 9.31 -3.46
C ASN A 46 -3.11 8.86 -2.31
N PRO A 47 -2.56 8.03 -1.42
CA PRO A 47 -3.39 7.37 -0.38
C PRO A 47 -3.58 8.16 0.91
N THR A 48 -3.08 9.38 0.98
CA THR A 48 -3.20 10.19 2.19
C THR A 48 -4.43 11.08 2.11
N ILE A 49 -4.84 11.36 0.87
CA ILE A 49 -5.89 12.32 0.56
C ILE A 49 -7.19 12.06 1.33
N PRO A 50 -7.79 13.15 1.87
CA PRO A 50 -9.10 13.21 2.54
C PRO A 50 -10.30 13.03 1.60
N TYR A 51 -11.35 12.37 2.08
CA TYR A 51 -12.52 12.00 1.27
C TYR A 51 -12.18 10.95 0.20
N LYS A 52 -11.19 10.13 0.52
CA LYS A 52 -10.75 9.04 -0.35
C LYS A 52 -11.25 7.71 0.18
N THR A 53 -11.32 7.59 1.51
CA THR A 53 -11.73 6.35 2.19
C THR A 53 -12.95 5.68 1.57
N ARG A 54 -12.81 4.39 1.23
CA ARG A 54 -11.59 3.63 1.52
C ARG A 54 -10.78 3.29 0.27
N GLY A 55 -9.47 3.55 0.32
CA GLY A 55 -8.58 3.25 -0.79
C GLY A 55 -8.82 4.19 -1.97
N ASN A 56 -7.77 4.65 -2.63
CA ASN A 56 -7.92 5.70 -3.62
C ASN A 56 -7.59 5.30 -5.07
N GLY A 57 -8.50 4.59 -5.72
CA GLY A 57 -8.23 4.03 -7.04
C GLY A 57 -9.25 4.22 -8.15
N ALA A 58 -8.83 4.93 -9.19
CA ALA A 58 -9.62 5.11 -10.38
C ALA A 58 -9.47 3.90 -11.32
N VAL A 59 -10.17 3.96 -12.46
CA VAL A 59 -10.31 2.83 -13.38
C VAL A 59 -10.20 3.37 -14.79
N SER A 60 -9.84 2.54 -15.76
CA SER A 60 -9.87 2.91 -17.18
C SER A 60 -9.68 1.70 -18.09
N PHE A 61 -10.12 1.83 -19.33
CA PHE A 61 -10.07 0.72 -20.27
C PHE A 61 -10.11 1.29 -21.67
N LEU A 62 -9.54 0.53 -22.61
CA LEU A 62 -9.38 0.99 -23.99
C LEU A 62 -10.41 0.35 -24.94
N VAL A 63 -11.01 1.15 -25.82
CA VAL A 63 -11.99 0.59 -26.75
C VAL A 63 -11.76 0.99 -28.20
N GLU A 64 -12.56 0.39 -29.09
CA GLU A 64 -12.63 0.78 -30.50
C GLU A 64 -14.10 1.06 -30.83
N VAL A 65 -14.40 2.30 -31.20
CA VAL A 65 -15.77 2.70 -31.49
C VAL A 65 -15.79 3.63 -32.70
N ASP A 66 -16.85 3.52 -33.51
CA ASP A 66 -16.98 4.38 -34.68
C ASP A 66 -17.29 5.83 -34.32
N ASP A 67 -18.00 6.05 -33.21
CA ASP A 67 -18.32 7.41 -32.77
C ASP A 67 -18.01 7.68 -31.29
N VAL A 68 -17.25 8.74 -31.04
CA VAL A 68 -16.83 9.08 -29.67
C VAL A 68 -18.04 9.46 -28.84
N GLY A 69 -18.85 10.38 -29.35
CA GLY A 69 -20.03 10.89 -28.66
C GLY A 69 -21.00 9.81 -28.21
N GLU A 70 -21.15 8.80 -29.05
CA GLU A 70 -21.92 7.62 -28.70
C GLU A 70 -21.38 6.94 -27.45
N LEU A 71 -20.08 6.61 -27.48
CA LEU A 71 -19.34 6.04 -26.32
C LEU A 71 -19.68 6.73 -25.01
N VAL A 72 -19.46 8.04 -24.98
CA VAL A 72 -19.80 8.86 -23.84
C VAL A 72 -21.23 8.59 -23.38
N ASP A 73 -22.18 8.71 -24.33
CA ASP A 73 -23.63 8.51 -24.07
C ASP A 73 -23.88 7.20 -23.34
N VAL A 74 -23.41 6.11 -23.93
CA VAL A 74 -23.34 4.82 -23.25
C VAL A 74 -22.63 4.87 -21.88
N VAL A 75 -21.46 5.48 -21.76
CA VAL A 75 -20.83 5.61 -20.44
C VAL A 75 -21.73 6.42 -19.49
N ASN A 76 -22.17 7.58 -19.97
CA ASN A 76 -23.10 8.45 -19.22
C ASN A 76 -24.38 7.76 -18.68
N GLU A 77 -24.99 6.94 -19.52
CA GLU A 77 -26.16 6.19 -19.11
C GLU A 77 -25.83 5.31 -17.91
N VAL A 78 -24.90 4.38 -18.12
CA VAL A 78 -24.30 3.57 -17.07
C VAL A 78 -24.10 4.29 -15.73
N ILE A 79 -23.38 5.42 -15.76
CA ILE A 79 -23.16 6.20 -14.53
C ILE A 79 -24.49 6.53 -13.89
N ILE A 80 -25.41 7.11 -14.67
CA ILE A 80 -26.71 7.53 -14.17
C ILE A 80 -27.48 6.37 -13.53
N GLU A 81 -27.49 5.20 -14.16
CA GLU A 81 -28.26 4.10 -13.56
C GLU A 81 -27.64 3.41 -12.35
N HIS A 82 -26.33 3.55 -12.15
CA HIS A 82 -25.65 2.79 -11.09
C HIS A 82 -24.93 3.61 -10.03
N ALA A 83 -24.45 4.78 -10.40
CA ALA A 83 -23.74 5.60 -9.44
C ALA A 83 -24.66 6.15 -8.35
N MET A 84 -24.20 6.09 -7.11
CA MET A 84 -24.90 6.70 -5.98
C MET A 84 -24.84 8.22 -6.07
N LEU A 85 -25.63 8.78 -6.97
CA LEU A 85 -25.66 10.22 -7.16
C LEU A 85 -26.27 10.94 -5.95
N ASP A 86 -27.01 10.22 -5.13
CA ASP A 86 -27.61 10.81 -3.95
C ASP A 86 -26.57 11.36 -3.00
N ASP A 87 -25.60 10.52 -2.66
CA ASP A 87 -24.48 10.85 -1.77
C ASP A 87 -23.68 12.09 -2.17
N GLU A 88 -23.55 13.03 -1.24
CA GLU A 88 -22.67 14.17 -1.45
C GLU A 88 -21.23 13.71 -1.38
N LYS A 89 -21.03 12.49 -0.88
CA LYS A 89 -19.73 11.83 -0.86
C LYS A 89 -19.22 11.58 -2.27
N THR A 90 -20.10 11.11 -3.15
CA THR A 90 -19.71 10.77 -4.51
C THR A 90 -20.07 11.81 -5.57
N ASN A 91 -19.13 12.05 -6.48
CA ASN A 91 -19.30 12.95 -7.62
C ASN A 91 -18.53 12.37 -8.80
N PRO A 92 -19.13 11.41 -9.50
CA PRO A 92 -18.55 10.75 -10.66
C PRO A 92 -17.83 11.68 -11.66
N GLY A 93 -16.77 11.19 -12.27
CA GLY A 93 -16.15 11.92 -13.35
C GLY A 93 -15.83 10.93 -14.44
N ALA A 94 -15.87 11.36 -15.69
CA ALA A 94 -15.42 10.48 -16.75
C ALA A 94 -14.75 11.24 -17.89
N VAL A 95 -13.76 10.61 -18.51
CA VAL A 95 -12.98 11.21 -19.59
C VAL A 95 -12.91 10.26 -20.78
N PHE A 96 -12.68 10.82 -21.95
CA PHE A 96 -12.61 10.04 -23.20
C PHE A 96 -11.43 10.58 -24.02
N VAL A 97 -10.44 9.72 -24.30
CA VAL A 97 -9.13 10.19 -24.77
C VAL A 97 -8.60 9.35 -25.91
N ASP A 98 -8.10 10.02 -26.94
CA ASP A 98 -7.49 9.32 -28.05
C ASP A 98 -6.31 8.49 -27.55
N GLU A 99 -6.02 7.38 -28.25
CA GLU A 99 -4.83 6.56 -27.97
C GLU A 99 -3.58 7.43 -27.86
N GLU A 100 -3.37 8.22 -28.92
CA GLU A 100 -2.17 9.03 -29.11
C GLU A 100 -2.07 10.20 -28.13
N LEU A 101 -3.14 10.45 -27.40
CA LEU A 101 -3.22 11.63 -26.52
C LEU A 101 -2.90 11.26 -25.07
N ALA A 102 -2.98 9.98 -24.75
CA ALA A 102 -2.85 9.55 -23.36
C ALA A 102 -1.46 9.83 -22.83
N VAL A 103 -0.45 9.65 -23.69
CA VAL A 103 0.95 9.88 -23.30
C VAL A 103 1.12 11.24 -22.65
N LYS A 104 0.37 12.23 -23.13
CA LYS A 104 0.46 13.57 -22.58
C LYS A 104 -0.06 13.67 -21.14
N LEU A 105 -0.77 12.64 -20.67
CA LEU A 105 -1.36 12.67 -19.35
C LEU A 105 -0.52 12.00 -18.25
N LYS A 106 0.63 11.45 -18.65
CA LYS A 106 1.60 10.86 -17.71
C LYS A 106 2.03 11.78 -16.57
N PRO A 107 2.29 13.06 -16.86
CA PRO A 107 2.68 13.91 -15.74
C PRO A 107 1.54 14.12 -14.78
N PHE A 108 0.36 14.48 -15.30
CA PHE A 108 -0.84 14.69 -14.51
C PHE A 108 -1.14 13.47 -13.64
N ALA A 109 -1.12 12.30 -14.24
CA ALA A 109 -1.32 11.07 -13.50
C ALA A 109 -0.29 10.90 -12.39
N ASP A 110 0.98 11.14 -12.72
CA ASP A 110 2.08 11.01 -11.78
C ASP A 110 1.85 11.88 -10.55
N LYS A 111 1.49 13.13 -10.82
CA LYS A 111 1.11 14.08 -9.77
C LYS A 111 -0.10 13.57 -8.97
N ALA A 112 -1.05 12.90 -9.62
CA ALA A 112 -2.21 12.36 -8.93
C ALA A 112 -1.85 11.27 -7.93
N ILE A 113 -0.74 10.59 -8.17
CA ILE A 113 -0.33 9.47 -7.33
C ILE A 113 0.66 9.89 -6.23
N LYS A 114 1.40 10.95 -6.47
CA LYS A 114 2.44 11.38 -5.54
C LYS A 114 2.16 12.71 -4.86
N ASP A 115 1.11 13.42 -5.30
CA ASP A 115 0.91 14.81 -4.88
C ASP A 115 -0.57 15.09 -4.52
N VAL A 116 -1.01 16.33 -4.72
CA VAL A 116 -2.38 16.76 -4.44
C VAL A 116 -2.81 17.60 -5.62
N LEU A 117 -4.10 17.52 -5.97
CA LEU A 117 -4.62 18.18 -7.17
C LEU A 117 -5.89 18.98 -6.95
N GLN A 118 -5.99 20.09 -7.67
CA GLN A 118 -7.17 20.91 -7.64
C GLN A 118 -7.97 20.60 -8.90
N ILE A 119 -9.30 20.79 -8.86
CA ILE A 119 -10.15 20.45 -10.00
C ILE A 119 -9.88 21.42 -11.12
N ASP A 120 -9.56 22.65 -10.74
CA ASP A 120 -9.06 23.65 -11.65
C ASP A 120 -8.12 23.04 -12.69
N GLU A 121 -7.11 22.34 -12.22
CA GLU A 121 -6.09 21.73 -13.08
C GLU A 121 -6.69 20.77 -14.11
N ALA A 122 -7.42 19.77 -13.63
CA ALA A 122 -8.05 18.78 -14.50
C ALA A 122 -8.95 19.47 -15.54
N LEU A 123 -9.71 20.46 -15.07
CA LEU A 123 -10.51 21.29 -15.96
C LEU A 123 -9.67 22.00 -17.00
N PHE A 124 -8.59 22.63 -16.55
CA PHE A 124 -7.66 23.29 -17.48
C PHE A 124 -7.14 22.30 -18.53
N VAL A 125 -6.81 21.09 -18.08
CA VAL A 125 -6.28 20.08 -18.98
C VAL A 125 -7.33 19.69 -20.01
N ILE A 126 -8.52 19.35 -19.53
CA ILE A 126 -9.61 19.00 -20.44
C ILE A 126 -9.88 20.10 -21.47
N GLY A 127 -9.80 21.34 -21.02
CA GLY A 127 -9.95 22.45 -21.93
C GLY A 127 -8.86 22.43 -22.97
N LYS A 128 -7.63 22.27 -22.46
CA LYS A 128 -6.44 22.32 -23.29
C LYS A 128 -6.46 21.28 -24.40
N TYR A 129 -6.85 20.05 -24.06
CA TYR A 129 -6.79 18.99 -25.06
C TYR A 129 -8.13 18.62 -25.68
N PHE A 130 -9.14 19.48 -25.45
CA PHE A 130 -10.46 19.31 -26.03
C PHE A 130 -10.97 17.90 -25.80
N ILE A 131 -10.90 17.49 -24.55
CA ILE A 131 -11.20 16.11 -24.17
C ILE A 131 -12.67 15.99 -23.85
N PRO A 132 -13.32 15.00 -24.46
CA PRO A 132 -14.72 14.80 -24.06
C PRO A 132 -14.78 14.27 -22.65
N HIS A 133 -15.55 14.93 -21.79
CA HIS A 133 -15.74 14.47 -20.42
C HIS A 133 -17.19 14.45 -19.92
N LEU A 134 -17.39 13.73 -18.83
CA LEU A 134 -18.60 13.82 -18.03
C LEU A 134 -18.27 14.21 -16.59
N ARG A 135 -18.78 15.36 -16.16
CA ARG A 135 -18.84 15.69 -14.74
C ARG A 135 -20.35 15.69 -14.37
N HIS A 136 -20.72 14.98 -13.30
CA HIS A 136 -22.14 14.84 -12.95
C HIS A 136 -22.56 15.71 -11.77
N LYS A 137 -21.62 15.96 -10.87
CA LYS A 137 -21.93 16.79 -9.71
C LYS A 137 -20.83 17.81 -9.57
N LYS A 138 -20.10 17.74 -8.46
CA LYS A 138 -18.80 18.36 -8.43
C LYS A 138 -17.92 17.57 -9.42
N GLY A 139 -16.97 18.24 -10.05
CA GLY A 139 -16.16 17.54 -11.04
C GLY A 139 -14.96 16.80 -10.48
N ARG A 140 -15.04 16.38 -9.22
CA ARG A 140 -13.90 15.80 -8.52
C ARG A 140 -13.42 14.46 -9.13
N GLY A 141 -14.36 13.68 -9.65
CA GLY A 141 -14.00 12.41 -10.27
C GLY A 141 -13.13 12.56 -11.50
N LEU A 142 -13.06 13.78 -12.01
CA LEU A 142 -12.31 14.05 -13.23
C LEU A 142 -10.80 13.98 -13.03
N ILE A 143 -10.32 14.31 -11.83
CA ILE A 143 -8.91 14.15 -11.47
C ILE A 143 -8.50 12.69 -11.64
N GLY A 144 -9.11 11.84 -10.83
CA GLY A 144 -8.84 10.42 -10.88
C GLY A 144 -9.07 9.81 -12.25
N ALA A 145 -10.09 10.31 -12.96
CA ALA A 145 -10.42 9.81 -14.29
C ALA A 145 -9.26 10.00 -15.25
N LEU A 146 -8.78 11.23 -15.33
CA LEU A 146 -7.62 11.56 -16.12
C LEU A 146 -6.41 10.70 -15.71
N ALA A 147 -6.19 10.56 -14.41
CA ALA A 147 -5.02 9.84 -13.93
C ALA A 147 -5.05 8.39 -14.35
N ALA A 148 -6.20 7.75 -14.22
CA ALA A 148 -6.27 6.34 -14.58
C ALA A 148 -6.00 6.15 -16.08
N VAL A 149 -5.96 7.25 -16.80
CA VAL A 149 -5.63 7.21 -18.22
C VAL A 149 -4.14 7.56 -18.48
N GLY A 150 -3.59 8.46 -17.68
CA GLY A 150 -2.22 8.90 -17.89
C GLY A 150 -1.14 8.05 -17.25
N ALA A 151 -1.51 7.27 -16.22
CA ALA A 151 -0.52 6.55 -15.43
C ALA A 151 0.27 5.57 -16.28
N GLU A 152 1.56 5.82 -16.39
CA GLU A 152 2.47 4.87 -17.01
C GLU A 152 2.84 3.81 -15.98
N LEU A 153 2.88 2.56 -16.41
CA LEU A 153 3.23 1.48 -15.52
C LEU A 153 4.53 0.79 -15.94
N GLU A 154 5.57 0.99 -15.13
CA GLU A 154 6.84 0.31 -15.31
C GLU A 154 6.69 -1.05 -14.67
N ASP A 155 6.50 -1.02 -13.37
CA ASP A 155 6.12 -2.21 -12.63
C ASP A 155 4.58 -2.22 -12.57
N PHE A 156 4.01 -3.42 -12.51
CA PHE A 156 2.59 -3.57 -12.32
C PHE A 156 2.26 -4.94 -11.75
N THR A 157 1.10 -5.02 -11.10
CA THR A 157 0.60 -6.29 -10.62
C THR A 157 -0.80 -6.48 -11.13
N LEU A 158 -1.36 -7.66 -10.88
CA LEU A 158 -2.71 -7.94 -11.33
C LEU A 158 -3.62 -8.17 -10.13
N GLU A 159 -4.90 -7.81 -10.29
CA GLU A 159 -5.92 -8.22 -9.33
C GLU A 159 -7.14 -8.73 -10.05
N LEU A 160 -7.48 -9.96 -9.74
CA LEU A 160 -8.68 -10.57 -10.27
C LEU A 160 -9.79 -10.24 -9.28
N ILE A 161 -10.61 -9.26 -9.62
CA ILE A 161 -11.76 -8.91 -8.77
C ILE A 161 -12.97 -9.79 -9.08
N ALA A 162 -13.58 -10.38 -8.06
CA ALA A 162 -14.79 -11.16 -8.25
C ALA A 162 -15.93 -10.49 -7.52
N TYR A 163 -17.05 -10.34 -8.21
CA TYR A 163 -18.18 -9.60 -7.67
C TYR A 163 -19.34 -10.53 -7.31
N ARG A 164 -20.25 -10.03 -6.47
CA ARG A 164 -21.38 -10.84 -6.06
C ARG A 164 -22.60 -10.69 -6.99
N TYR A 165 -23.53 -11.62 -6.86
CA TYR A 165 -24.86 -11.43 -7.44
C TYR A 165 -25.60 -10.40 -6.59
N PRO A 166 -26.14 -9.34 -7.23
CA PRO A 166 -26.64 -8.16 -6.49
C PRO A 166 -27.68 -8.42 -5.38
N GLU A 167 -28.45 -9.53 -5.49
CA GLU A 167 -29.30 -10.02 -4.40
C GLU A 167 -28.63 -9.93 -3.05
N ARG A 168 -27.51 -10.65 -2.92
CA ARG A 168 -26.60 -10.47 -1.80
C ARG A 168 -25.92 -9.17 -2.16
N PHE A 169 -25.55 -8.38 -1.16
CA PHE A 169 -24.93 -7.03 -1.28
C PHE A 169 -25.40 -6.52 0.05
N GLY A 170 -24.54 -5.82 0.78
CA GLY A 170 -24.93 -5.38 2.11
C GLY A 170 -25.13 -6.53 3.08
N THR A 171 -25.23 -7.75 2.56
CA THR A 171 -25.27 -8.96 3.37
C THR A 171 -23.84 -9.45 3.57
N GLU A 172 -23.70 -10.55 4.31
CA GLU A 172 -22.39 -11.15 4.57
C GLU A 172 -22.05 -12.20 3.52
N ARG A 173 -20.74 -12.44 3.35
CA ARG A 173 -20.27 -13.38 2.34
C ARG A 173 -20.03 -14.77 2.91
N GLU A 174 -20.59 -15.78 2.26
CA GLU A 174 -20.30 -17.16 2.61
C GLU A 174 -19.07 -17.58 1.86
N TYR A 175 -18.10 -18.17 2.57
CA TYR A 175 -16.84 -18.58 1.94
C TYR A 175 -16.02 -19.57 2.76
N ASP A 176 -15.23 -20.37 2.07
CA ASP A 176 -14.41 -21.40 2.68
C ASP A 176 -13.00 -20.86 2.99
N GLU A 177 -12.74 -20.57 4.26
CA GLU A 177 -11.48 -19.98 4.70
C GLU A 177 -10.25 -20.83 4.38
N GLU A 178 -10.34 -22.12 4.65
CA GLU A 178 -9.21 -23.01 4.40
C GLU A 178 -8.87 -23.09 2.91
N SER A 179 -9.91 -23.15 2.07
CA SER A 179 -9.72 -23.21 0.63
C SER A 179 -8.88 -22.03 0.11
N PHE A 180 -8.87 -20.94 0.87
CA PHE A 180 -8.11 -19.75 0.52
C PHE A 180 -6.65 -19.89 0.90
N PHE A 181 -6.42 -20.39 2.11
CA PHE A 181 -5.07 -20.66 2.59
C PHE A 181 -4.40 -21.73 1.75
N ASP A 182 -5.15 -22.79 1.45
CA ASP A 182 -4.61 -23.89 0.65
C ASP A 182 -4.06 -23.34 -0.65
N MET A 183 -4.86 -22.47 -1.26
CA MET A 183 -4.52 -21.83 -2.53
C MET A 183 -3.20 -21.05 -2.41
N ASP A 184 -3.06 -20.31 -1.32
CA ASP A 184 -1.90 -19.48 -1.08
C ASP A 184 -0.63 -20.34 -0.95
N TYR A 185 -0.75 -21.49 -0.29
CA TYR A 185 0.38 -22.39 -0.21
C TYR A 185 0.83 -22.79 -1.61
N GLU A 186 -0.09 -23.32 -2.40
CA GLU A 186 0.22 -23.80 -3.75
C GLU A 186 0.79 -22.75 -4.71
N LEU A 187 0.30 -21.52 -4.65
CA LEU A 187 0.59 -20.54 -5.70
C LEU A 187 1.44 -19.34 -5.28
N TYR A 188 1.71 -19.19 -3.99
CA TYR A 188 2.64 -18.15 -3.56
C TYR A 188 4.03 -18.44 -4.14
N PRO A 189 4.71 -17.40 -4.64
CA PRO A 189 4.34 -15.98 -4.56
C PRO A 189 3.60 -15.50 -5.80
N GLN A 190 3.08 -16.39 -6.64
CA GLN A 190 2.45 -15.93 -7.86
C GLN A 190 1.14 -15.22 -7.53
N THR A 191 0.54 -15.58 -6.40
CA THR A 191 -0.55 -14.83 -5.82
C THR A 191 -0.15 -14.40 -4.42
N PHE A 192 0.40 -13.19 -4.32
CA PHE A 192 0.83 -12.65 -3.04
C PHE A 192 -0.28 -11.86 -2.32
N ASP A 193 -0.09 -11.67 -1.02
CA ASP A 193 -0.91 -10.74 -0.22
C ASP A 193 -2.40 -10.96 -0.27
N ASN A 194 -2.82 -12.22 -0.22
CA ASN A 194 -4.23 -12.56 -0.28
C ASN A 194 -4.67 -13.23 1.01
N VAL A 195 -3.78 -13.21 1.98
CA VAL A 195 -4.02 -13.87 3.26
C VAL A 195 -2.85 -13.61 4.20
N ASP A 196 -3.17 -13.44 5.48
CA ASP A 196 -2.17 -13.20 6.51
C ASP A 196 -2.06 -14.44 7.38
N TRP A 197 -1.05 -15.26 7.12
CA TRP A 197 -0.80 -16.45 7.91
C TRP A 197 -0.65 -16.13 9.40
N CYS A 198 0.17 -15.13 9.69
CA CYS A 198 0.53 -14.81 11.08
C CYS A 198 -0.64 -14.29 11.91
N ASN A 199 -1.73 -13.92 11.26
CA ASN A 199 -2.88 -13.40 11.98
C ASN A 199 -4.22 -14.16 11.72
N ASP A 200 -4.14 -15.19 10.88
CA ASP A 200 -5.26 -16.07 10.55
C ASP A 200 -6.45 -15.34 9.95
N VAL A 201 -6.16 -14.24 9.27
CA VAL A 201 -7.17 -13.46 8.60
C VAL A 201 -6.97 -13.56 7.09
N VAL A 202 -8.05 -13.84 6.36
CA VAL A 202 -7.99 -13.78 4.91
C VAL A 202 -8.13 -12.33 4.49
N VAL A 203 -7.17 -11.89 3.68
CA VAL A 203 -6.98 -10.47 3.44
C VAL A 203 -7.76 -9.95 2.24
N CYS A 204 -8.00 -10.82 1.25
CA CYS A 204 -8.55 -10.40 -0.03
C CYS A 204 -10.09 -10.25 -0.03
N ILE A 205 -10.66 -10.12 1.16
CA ILE A 205 -12.10 -10.05 1.29
C ILE A 205 -12.51 -8.87 2.16
N PRO A 206 -13.34 -7.99 1.60
CA PRO A 206 -13.79 -6.78 2.32
C PRO A 206 -14.89 -7.01 3.34
N ASN A 207 -14.90 -6.16 4.37
CA ASN A 207 -15.99 -6.08 5.34
C ASN A 207 -17.15 -5.29 4.74
N THR A 208 -16.79 -4.44 3.80
CA THR A 208 -17.68 -3.44 3.23
C THR A 208 -18.89 -4.02 2.51
N PRO A 209 -19.98 -3.23 2.45
CA PRO A 209 -21.22 -3.60 1.74
C PRO A 209 -21.14 -3.39 0.23
N CYS A 210 -19.93 -3.38 -0.32
CA CYS A 210 -19.73 -3.07 -1.74
C CYS A 210 -20.01 -4.32 -2.58
N PRO A 211 -19.94 -4.21 -3.92
CA PRO A 211 -20.12 -5.44 -4.70
C PRO A 211 -18.95 -6.45 -4.67
N VAL A 212 -17.73 -6.06 -4.33
CA VAL A 212 -16.63 -7.05 -4.33
C VAL A 212 -16.86 -8.24 -3.39
N LEU A 213 -16.68 -9.45 -3.93
CA LEU A 213 -16.52 -10.64 -3.12
C LEU A 213 -15.05 -10.74 -2.67
N TYR A 214 -14.19 -11.20 -3.58
CA TYR A 214 -12.76 -11.18 -3.39
C TYR A 214 -12.05 -10.47 -4.52
N GLY A 215 -10.95 -9.79 -4.17
CA GLY A 215 -10.01 -9.28 -5.16
C GLY A 215 -8.65 -9.92 -4.91
N ILE A 216 -8.26 -10.83 -5.78
CA ILE A 216 -7.03 -11.59 -5.63
C ILE A 216 -5.84 -11.01 -6.40
N ARG A 217 -4.76 -10.69 -5.69
CA ARG A 217 -3.55 -10.14 -6.33
C ARG A 217 -2.50 -11.18 -6.72
N GLY A 218 -1.85 -10.94 -7.85
CA GLY A 218 -0.88 -11.87 -8.39
C GLY A 218 -0.03 -11.32 -9.51
N GLU A 219 0.62 -12.21 -10.25
CA GLU A 219 1.62 -11.82 -11.25
C GLU A 219 1.22 -12.13 -12.68
N SER A 220 0.74 -13.35 -12.90
CA SER A 220 0.29 -13.74 -14.22
C SER A 220 -1.22 -13.91 -14.23
N VAL A 221 -1.78 -14.10 -15.42
CA VAL A 221 -3.19 -14.41 -15.55
C VAL A 221 -3.39 -15.89 -15.25
N GLU A 222 -2.39 -16.70 -15.63
CA GLU A 222 -2.41 -18.15 -15.37
C GLU A 222 -2.45 -18.46 -13.87
N ALA A 223 -1.67 -17.72 -13.09
CA ALA A 223 -1.67 -17.88 -11.64
C ALA A 223 -3.07 -17.57 -11.13
N LEU A 224 -3.47 -16.33 -11.35
CA LEU A 224 -4.79 -15.81 -11.02
C LEU A 224 -5.89 -16.81 -11.31
N TYR A 225 -5.99 -17.25 -12.56
CA TYR A 225 -7.07 -18.16 -12.94
C TYR A 225 -7.03 -19.43 -12.11
N LYS A 226 -5.83 -19.93 -11.84
CA LYS A 226 -5.65 -21.06 -10.95
C LYS A 226 -6.21 -20.75 -9.56
N ALA A 227 -6.02 -19.52 -9.10
CA ALA A 227 -6.56 -19.10 -7.80
C ALA A 227 -8.06 -19.31 -7.76
N MET A 228 -8.72 -18.98 -8.86
CA MET A 228 -10.17 -18.96 -8.93
C MET A 228 -10.79 -20.33 -8.69
N GLU A 229 -10.51 -21.27 -9.59
CA GLU A 229 -11.04 -22.62 -9.50
C GLU A 229 -10.73 -23.29 -8.16
N SER A 230 -9.59 -22.90 -7.56
CA SER A 230 -9.08 -23.49 -6.31
C SER A 230 -9.77 -22.95 -5.08
N VAL A 231 -10.59 -21.92 -5.28
CA VAL A 231 -11.21 -21.23 -4.15
C VAL A 231 -12.69 -21.60 -4.07
N LYS A 232 -13.16 -21.86 -2.86
CA LYS A 232 -14.57 -22.21 -2.63
C LYS A 232 -15.31 -21.05 -2.00
N THR A 233 -16.20 -20.43 -2.78
CA THR A 233 -17.00 -19.31 -2.29
C THR A 233 -18.45 -19.36 -2.77
N GLU A 234 -19.28 -18.49 -2.19
CA GLU A 234 -20.65 -18.29 -2.66
C GLU A 234 -20.53 -17.83 -4.11
N PRO A 235 -21.54 -18.13 -4.93
CA PRO A 235 -21.33 -18.02 -6.38
C PRO A 235 -20.81 -16.66 -6.85
N VAL A 236 -20.18 -16.67 -8.01
CA VAL A 236 -19.59 -15.47 -8.56
C VAL A 236 -20.41 -15.05 -9.76
N ASP A 237 -20.72 -13.77 -9.85
CA ASP A 237 -21.46 -13.26 -10.99
C ASP A 237 -20.49 -12.63 -12.00
N ARG A 238 -20.06 -11.41 -11.74
CA ARG A 238 -19.07 -10.79 -12.60
C ARG A 238 -17.63 -11.10 -12.15
N ARG A 239 -16.73 -11.30 -13.11
CA ARG A 239 -15.31 -11.39 -12.77
C ARG A 239 -14.44 -10.65 -13.79
N MET A 240 -13.66 -9.70 -13.31
CA MET A 240 -12.64 -9.07 -14.14
C MET A 240 -11.21 -9.14 -13.56
N ILE A 241 -10.23 -9.17 -14.47
CA ILE A 241 -8.83 -9.01 -14.11
C ILE A 241 -8.39 -7.60 -14.48
N PHE A 242 -7.89 -6.88 -13.49
CA PHE A 242 -7.29 -5.56 -13.69
C PHE A 242 -5.76 -5.61 -13.60
N VAL A 243 -5.10 -4.93 -14.52
CA VAL A 243 -3.70 -4.58 -14.36
C VAL A 243 -3.66 -3.34 -13.52
N THR A 244 -2.89 -3.40 -12.42
CA THR A 244 -2.89 -2.37 -11.39
C THR A 244 -1.49 -1.89 -10.99
N ASN A 245 -1.45 -0.82 -10.20
CA ASN A 245 -0.18 -0.34 -9.64
C ASN A 245 0.01 -0.75 -8.17
N HIS A 246 -0.85 -1.64 -7.69
CA HIS A 246 -0.65 -2.25 -6.36
C HIS A 246 0.72 -2.87 -6.21
N ALA A 247 1.33 -2.70 -5.05
CA ALA A 247 2.56 -3.39 -4.69
C ALA A 247 3.79 -2.93 -5.50
N THR A 248 3.87 -1.65 -5.77
CA THR A 248 4.94 -1.12 -6.61
C THR A 248 5.62 0.10 -5.98
N ASP A 249 5.26 0.43 -4.74
CA ASP A 249 5.79 1.63 -4.07
C ASP A 249 5.82 2.85 -4.99
N MET A 250 4.90 2.90 -5.95
CA MET A 250 4.88 3.94 -6.98
C MET A 250 4.59 5.30 -6.38
N HIS A 251 4.09 5.30 -5.16
CA HIS A 251 3.69 6.53 -4.48
C HIS A 251 4.83 7.19 -3.74
N LEU A 252 5.96 6.48 -3.66
CA LEU A 252 7.10 6.91 -2.83
C LEU A 252 7.99 7.94 -3.52
N ILE A 253 8.32 8.98 -2.74
CA ILE A 253 9.29 9.99 -3.13
C ILE A 253 10.56 9.80 -2.30
N GLY A 254 11.71 9.77 -2.98
CA GLY A 254 12.99 9.64 -2.31
C GLY A 254 13.57 10.96 -1.83
N GLU A 255 14.39 10.89 -0.77
CA GLU A 255 14.98 12.07 -0.12
C GLU A 255 15.80 12.99 -1.01
N GLU A 256 16.31 12.47 -2.12
CA GLU A 256 17.06 13.27 -3.06
C GLU A 256 16.17 14.17 -3.90
N GLU A 257 14.85 13.99 -3.77
CA GLU A 257 13.92 14.62 -4.71
C GLU A 257 13.33 15.97 -4.30
N VAL A 258 13.45 16.37 -3.04
CA VAL A 258 12.85 17.65 -2.64
C VAL A 258 13.45 18.36 -1.42
N HIS A 259 13.41 19.69 -1.45
CA HIS A 259 13.77 20.57 -0.33
C HIS A 259 13.24 20.07 1.01
N ARG A 260 11.97 20.31 1.29
CA ARG A 260 11.37 19.98 2.60
C ARG A 260 10.52 18.73 2.56
N LEU A 261 9.92 18.40 3.70
CA LEU A 261 8.89 17.37 3.74
C LEU A 261 7.53 18.01 4.00
N GLU A 262 6.50 17.45 3.38
CA GLU A 262 5.13 17.92 3.58
C GLU A 262 4.23 16.80 4.04
N ASN A 263 3.15 17.18 4.69
CA ASN A 263 2.05 16.25 4.90
C ASN A 263 1.27 16.01 3.61
N TYR A 264 0.66 14.84 3.52
CA TYR A 264 -0.03 14.37 2.32
C TYR A 264 0.94 13.90 1.21
N ARG A 265 2.11 13.41 1.61
CA ARG A 265 3.07 12.79 0.70
C ARG A 265 3.70 11.59 1.37
N SER A 266 4.12 10.63 0.58
CA SER A 266 4.73 9.42 1.10
C SER A 266 6.20 9.39 0.71
N TYR A 267 7.03 8.80 1.56
CA TYR A 267 8.48 8.92 1.38
C TYR A 267 9.30 7.67 1.60
N ARG A 268 10.45 7.66 0.92
CA ARG A 268 11.53 6.73 1.23
C ARG A 268 12.74 7.56 1.67
N LEU A 269 13.08 7.52 2.95
CA LEU A 269 14.30 8.23 3.37
C LEU A 269 15.28 7.56 4.36
N ARG A 270 16.55 7.92 4.26
CA ARG A 270 17.59 7.37 5.15
C ARG A 270 17.74 8.21 6.39
N GLY A 271 17.85 7.55 7.53
CA GLY A 271 17.93 8.25 8.80
C GLY A 271 18.72 7.58 9.90
N ARG A 272 19.36 8.40 10.73
CA ARG A 272 20.01 7.93 11.95
C ARG A 272 19.07 8.17 13.13
N VAL A 273 18.88 7.14 13.96
CA VAL A 273 17.93 7.22 15.07
C VAL A 273 18.31 8.21 16.16
N THR A 274 17.44 9.16 16.45
CA THR A 274 17.69 10.10 17.55
C THR A 274 16.98 9.64 18.81
N LEU A 275 15.70 9.96 18.94
CA LEU A 275 14.91 9.47 20.07
C LEU A 275 14.79 7.96 19.96
N GLU A 276 14.48 7.29 21.06
CA GLU A 276 14.26 5.85 21.06
C GLU A 276 12.75 5.54 21.14
N PRO A 277 12.36 4.32 20.77
CA PRO A 277 10.98 3.83 20.87
C PRO A 277 10.28 4.22 22.18
N TYR A 278 9.01 4.61 22.08
CA TYR A 278 8.18 4.83 23.25
C TYR A 278 6.67 4.69 22.95
N ASP A 279 6.05 3.68 23.56
CA ASP A 279 4.66 3.32 23.30
C ASP A 279 3.66 4.44 23.64
N ILE A 280 2.53 4.47 22.94
CA ILE A 280 1.50 5.51 23.14
C ILE A 280 0.07 5.00 22.95
N GLU A 281 -0.70 5.03 24.03
CA GLU A 281 -2.18 4.89 24.02
C GLU A 281 -2.84 3.67 23.35
N GLY A 282 -3.08 3.75 22.04
CA GLY A 282 -3.80 2.69 21.34
C GLY A 282 -3.04 1.40 21.09
N GLY A 283 -1.71 1.45 21.18
CA GLY A 283 -0.86 0.28 20.95
C GLY A 283 0.26 0.59 19.99
N HIS A 284 0.75 1.84 20.06
CA HIS A 284 1.65 2.41 19.06
C HIS A 284 3.09 2.48 19.55
N VAL A 285 4.00 2.81 18.63
CA VAL A 285 5.43 2.92 18.92
C VAL A 285 6.02 4.12 18.15
N PHE A 286 6.60 5.07 18.86
CA PHE A 286 7.20 6.24 18.21
C PHE A 286 8.72 6.30 18.34
N PHE A 287 9.37 6.92 17.36
CA PHE A 287 10.76 7.31 17.47
C PHE A 287 11.09 8.38 16.44
N GLU A 288 12.02 9.27 16.77
CA GLU A 288 12.46 10.29 15.82
C GLU A 288 13.76 9.83 15.17
N ILE A 289 14.08 10.43 14.02
CA ILE A 289 15.37 10.23 13.36
C ILE A 289 15.81 11.54 12.73
N ASP A 290 17.06 11.56 12.26
CA ASP A 290 17.71 12.76 11.76
C ASP A 290 17.97 12.59 10.26
N THR A 291 17.69 13.63 9.47
CA THR A 291 17.81 13.52 8.01
C THR A 291 18.30 14.82 7.42
N LYS A 292 18.43 14.84 6.09
CA LYS A 292 18.77 16.08 5.39
C LYS A 292 17.73 17.16 5.68
N PHE A 293 16.55 16.72 6.11
CA PHE A 293 15.44 17.63 6.40
C PHE A 293 15.27 17.92 7.88
N GLY A 294 16.15 17.39 8.73
CA GLY A 294 16.06 17.66 10.16
C GLY A 294 15.42 16.53 10.96
N SER A 295 14.92 16.85 12.15
CA SER A 295 14.36 15.83 13.02
C SER A 295 12.98 15.39 12.52
N VAL A 296 12.76 14.09 12.41
CA VAL A 296 11.55 13.58 11.77
C VAL A 296 10.87 12.44 12.53
N LYS A 297 9.60 12.65 12.91
CA LYS A 297 8.79 11.66 13.63
C LYS A 297 8.44 10.46 12.76
N CYS A 298 8.69 9.25 13.27
CA CYS A 298 8.37 8.02 12.55
C CYS A 298 7.62 7.04 13.45
N ALA A 299 6.58 6.41 12.91
CA ALA A 299 5.71 5.60 13.74
C ALA A 299 5.32 4.26 13.12
N ALA A 300 5.17 3.26 13.98
CA ALA A 300 4.46 2.04 13.63
C ALA A 300 3.19 2.03 14.45
N PHE A 301 2.03 2.13 13.79
CA PHE A 301 0.78 2.18 14.53
C PHE A 301 0.27 0.80 14.91
N GLU A 302 -0.60 0.74 15.92
CA GLU A 302 -1.10 -0.52 16.48
C GLU A 302 -1.49 -1.56 15.43
N PRO A 303 -2.22 -1.17 14.37
CA PRO A 303 -2.59 -2.17 13.37
C PRO A 303 -1.41 -2.87 12.66
N THR A 304 -0.18 -2.54 13.02
CA THR A 304 0.98 -3.19 12.42
C THR A 304 1.34 -4.46 13.19
N LYS A 305 0.67 -4.67 14.31
CA LYS A 305 0.82 -5.91 15.11
C LYS A 305 2.25 -6.26 15.50
N GLN A 306 2.78 -7.35 14.93
CA GLN A 306 4.16 -7.82 15.25
C GLN A 306 5.21 -6.79 14.92
N PHE A 307 5.16 -6.28 13.69
CA PHE A 307 6.09 -5.27 13.16
C PHE A 307 6.57 -4.24 14.19
N ARG A 308 5.72 -3.94 15.17
CA ARG A 308 6.10 -3.12 16.32
C ARG A 308 7.32 -3.68 17.05
N ASN A 309 7.39 -5.00 17.15
CA ASN A 309 8.52 -5.69 17.78
C ASN A 309 9.84 -5.24 17.18
N VAL A 310 9.96 -5.38 15.86
CA VAL A 310 11.20 -5.01 15.16
C VAL A 310 11.50 -3.52 15.31
N ILE A 311 10.48 -2.72 15.59
CA ILE A 311 10.69 -1.30 15.84
C ILE A 311 11.17 -1.04 17.28
N ARG A 312 10.51 -1.69 18.24
CA ARG A 312 10.86 -1.54 19.66
C ARG A 312 12.33 -1.82 19.99
N LEU A 313 13.04 -2.50 19.08
CA LEU A 313 14.45 -2.84 19.27
C LEU A 313 15.40 -1.82 18.65
N LEU A 314 14.98 -0.56 18.61
CA LEU A 314 15.75 0.52 17.97
C LEU A 314 16.50 1.39 18.99
N ARG A 315 17.78 1.64 18.70
CA ARG A 315 18.65 2.36 19.63
C ARG A 315 19.31 3.59 19.01
N LYS A 316 19.55 4.61 19.81
CA LYS A 316 20.10 5.88 19.29
C LYS A 316 21.45 5.72 18.60
N GLY A 317 21.48 5.98 17.29
CA GLY A 317 22.69 5.81 16.51
C GLY A 317 22.53 4.86 15.36
N ASP A 318 21.44 4.08 15.38
CA ASP A 318 21.10 3.17 14.28
C ASP A 318 20.92 3.91 12.97
N VAL A 319 21.46 3.36 11.90
CA VAL A 319 21.27 3.94 10.57
C VAL A 319 20.16 3.21 9.82
N VAL A 320 19.12 3.95 9.44
CA VAL A 320 17.94 3.27 8.92
C VAL A 320 17.35 3.90 7.65
N GLU A 321 16.57 3.11 6.92
CA GLU A 321 15.71 3.66 5.85
C GLU A 321 14.23 3.38 6.13
N VAL A 322 13.41 4.43 6.02
CA VAL A 322 11.99 4.29 6.29
C VAL A 322 11.11 4.41 5.04
N TYR A 323 9.97 3.73 5.08
CA TYR A 323 9.00 3.77 3.97
C TYR A 323 7.57 4.06 4.47
N GLY A 324 7.06 5.24 4.16
CA GLY A 324 5.71 5.57 4.57
C GLY A 324 5.15 6.92 4.16
N SER A 325 3.96 7.22 4.68
CA SER A 325 3.27 8.46 4.36
C SER A 325 3.36 9.43 5.52
N MET A 326 3.40 10.72 5.19
CA MET A 326 3.49 11.75 6.20
C MET A 326 2.13 12.38 6.48
N LYS A 327 1.49 11.99 7.58
CA LYS A 327 0.26 12.64 8.01
C LYS A 327 0.40 13.04 9.48
N LYS A 328 -0.15 14.20 9.82
CA LYS A 328 0.06 14.83 11.12
C LYS A 328 1.57 14.91 11.47
N ASP A 329 2.36 15.26 10.47
CA ASP A 329 3.81 15.49 10.61
C ASP A 329 4.58 14.27 11.07
N THR A 330 4.06 13.08 10.78
CA THR A 330 4.76 11.84 11.16
C THR A 330 4.62 10.72 10.13
N ILE A 331 5.71 9.98 9.94
CA ILE A 331 5.79 8.89 8.97
C ILE A 331 5.12 7.62 9.44
N ASN A 332 4.06 7.21 8.75
CA ASN A 332 3.41 5.92 9.03
C ASN A 332 4.11 4.81 8.28
N LEU A 333 4.90 4.01 8.99
CA LEU A 333 5.77 3.01 8.40
C LEU A 333 5.08 1.89 7.61
N GLU A 334 5.54 1.66 6.39
CA GLU A 334 5.08 0.52 5.60
C GLU A 334 6.10 -0.60 5.61
N LYS A 335 7.36 -0.25 5.33
CA LYS A 335 8.48 -1.17 5.48
C LYS A 335 9.57 -0.44 6.23
N ILE A 336 10.64 -1.14 6.55
CA ILE A 336 11.84 -0.48 7.07
C ILE A 336 13.09 -1.32 6.78
N GLN A 337 14.15 -0.63 6.37
CA GLN A 337 15.44 -1.29 6.18
C GLN A 337 16.44 -0.87 7.23
N ILE A 338 16.87 -1.82 8.04
CA ILE A 338 17.95 -1.58 8.97
C ILE A 338 19.27 -1.57 8.19
N VAL A 339 19.93 -0.41 8.17
CA VAL A 339 21.12 -0.25 7.34
C VAL A 339 22.41 -0.63 8.06
N GLU A 340 22.99 0.30 8.81
CA GLU A 340 24.11 0.01 9.68
C GLU A 340 23.61 -0.19 11.11
N LEU A 341 23.89 -1.38 11.66
CA LEU A 341 23.67 -1.62 13.08
C LEU A 341 24.54 -0.63 13.87
N ALA A 342 23.98 -0.01 14.90
CA ALA A 342 24.78 0.84 15.77
C ALA A 342 25.44 0.01 16.87
N GLU A 343 26.77 0.03 16.91
CA GLU A 343 27.55 -0.73 17.88
C GLU A 343 27.69 -0.04 19.26
N ILE A 344 27.48 -0.80 20.34
CA ILE A 344 27.54 -0.25 21.69
C ILE A 344 28.66 -0.84 22.54
N TRP A 345 29.67 -0.01 22.82
CA TRP A 345 30.76 -0.41 23.68
C TRP A 345 30.47 -0.08 25.14
N VAL A 346 30.53 -1.10 26.00
CA VAL A 346 30.27 -0.93 27.43
C VAL A 346 31.38 -1.55 28.31
N GLU A 347 31.53 -1.02 29.52
CA GLU A 347 32.54 -1.52 30.45
C GLU A 347 31.93 -2.09 31.72
N LYS A 348 31.53 -3.36 31.67
CA LYS A 348 31.01 -4.06 32.84
C LYS A 348 32.15 -4.68 33.66
N ASN A 349 31.85 -5.00 34.92
CA ASN A 349 32.84 -5.63 35.80
C ASN A 349 33.19 -7.04 35.32
N PRO A 350 34.40 -7.53 35.68
CA PRO A 350 34.85 -8.90 35.36
C PRO A 350 33.91 -10.02 35.83
N ILE A 351 33.55 -10.94 34.93
CA ILE A 351 32.87 -12.16 35.33
C ILE A 351 33.83 -13.06 36.11
N CYS A 352 33.37 -13.55 37.25
CA CYS A 352 34.16 -14.48 38.06
C CYS A 352 34.43 -15.78 37.30
N PRO A 353 35.70 -16.22 37.25
CA PRO A 353 36.13 -17.40 36.50
C PRO A 353 35.71 -18.76 37.10
N SER A 354 35.09 -18.76 38.28
CA SER A 354 34.60 -20.01 38.86
C SER A 354 33.07 -20.14 38.83
N CYS A 355 32.40 -19.25 39.55
CA CYS A 355 30.94 -19.29 39.71
C CYS A 355 30.18 -18.68 38.52
N GLY A 356 30.83 -17.74 37.84
CA GLY A 356 30.23 -17.10 36.69
C GLY A 356 29.61 -15.76 37.03
N ARG A 357 29.35 -15.53 38.32
CA ARG A 357 28.68 -14.30 38.75
C ARG A 357 29.58 -13.08 38.54
N ARG A 358 28.99 -11.89 38.59
CA ARG A 358 29.73 -10.67 38.32
C ARG A 358 30.50 -10.24 39.57
N MET A 359 31.79 -9.95 39.39
CA MET A 359 32.60 -9.44 40.48
C MET A 359 32.10 -8.06 40.89
N GLU A 360 32.14 -7.79 42.18
CA GLU A 360 31.74 -6.48 42.67
C GLU A 360 33.02 -5.69 42.95
N SER A 361 32.90 -4.37 42.96
CA SER A 361 34.07 -3.53 43.24
C SER A 361 34.64 -3.85 44.61
N ALA A 362 35.94 -3.65 44.78
CA ALA A 362 36.60 -4.00 46.04
C ALA A 362 37.13 -2.79 46.80
N GLY A 363 36.83 -1.59 46.29
CA GLY A 363 37.25 -0.37 46.95
C GLY A 363 37.40 0.80 46.00
N ARG A 364 37.89 1.92 46.54
CA ARG A 364 38.11 3.15 45.76
C ARG A 364 38.82 2.83 44.44
N GLY A 365 39.99 2.21 44.55
CA GLY A 365 40.74 1.75 43.40
C GLY A 365 41.34 0.40 43.73
N GLN A 366 40.55 -0.45 44.38
CA GLN A 366 41.00 -1.75 44.84
C GLN A 366 40.52 -2.89 43.92
N GLY A 367 40.22 -2.56 42.68
CA GLY A 367 39.83 -3.56 41.69
C GLY A 367 38.52 -4.27 41.96
N PHE A 368 38.44 -5.55 41.56
CA PHE A 368 37.24 -6.35 41.76
C PHE A 368 37.59 -7.75 42.24
N ARG A 369 36.60 -8.42 42.84
CA ARG A 369 36.80 -9.77 43.34
C ARG A 369 35.51 -10.53 43.42
N CYS A 370 35.60 -11.78 43.84
CA CYS A 370 34.45 -12.63 44.06
C CYS A 370 34.60 -13.30 45.39
N LYS A 371 33.79 -12.90 46.35
CA LYS A 371 33.90 -13.42 47.71
C LYS A 371 33.52 -14.89 47.84
N LYS A 372 32.63 -15.36 46.96
CA LYS A 372 32.22 -16.77 47.00
C LYS A 372 33.34 -17.71 46.53
N CYS A 373 34.46 -17.11 46.14
CA CYS A 373 35.69 -17.83 45.88
C CYS A 373 36.80 -16.96 46.47
N ARG A 374 38.04 -17.21 46.08
CA ARG A 374 39.11 -16.28 46.42
C ARG A 374 39.68 -15.72 45.13
N THR A 375 38.79 -15.39 44.20
CA THR A 375 39.21 -14.95 42.89
C THR A 375 39.26 -13.43 42.76
N LYS A 376 39.92 -12.95 41.71
CA LYS A 376 40.26 -11.54 41.59
C LYS A 376 40.55 -11.15 40.16
N ALA A 377 40.58 -9.83 39.93
CA ALA A 377 40.88 -9.24 38.64
C ALA A 377 40.91 -7.72 38.86
N ASP A 378 41.63 -7.00 38.01
CA ASP A 378 41.89 -5.58 38.29
C ASP A 378 41.30 -4.56 37.32
N GLU A 379 40.96 -4.99 36.11
CA GLU A 379 40.36 -4.07 35.12
C GLU A 379 38.92 -4.45 34.73
N LYS A 380 38.33 -3.66 33.83
CA LYS A 380 36.99 -3.96 33.34
C LYS A 380 37.01 -4.56 31.94
N LEU A 381 36.11 -5.51 31.69
CA LEU A 381 35.98 -6.07 30.34
C LEU A 381 35.02 -5.23 29.48
N ARG A 382 35.48 -4.86 28.29
CA ARG A 382 34.67 -4.10 27.35
C ARG A 382 34.17 -5.06 26.28
N GLU A 383 32.90 -4.93 25.92
CA GLU A 383 32.32 -5.78 24.89
C GLU A 383 31.50 -4.97 23.90
N LYS A 384 30.89 -5.67 22.95
CA LYS A 384 29.82 -5.10 22.14
C LYS A 384 28.52 -5.85 22.48
N VAL A 385 27.45 -5.14 22.81
CA VAL A 385 26.18 -5.81 23.10
C VAL A 385 25.64 -6.47 21.83
N GLU A 386 24.87 -7.55 21.99
CA GLU A 386 24.38 -8.33 20.86
C GLU A 386 22.85 -8.43 20.83
N ARG A 387 22.19 -7.37 20.39
CA ARG A 387 20.73 -7.30 20.43
C ARG A 387 20.07 -8.10 19.31
N GLU A 388 18.80 -8.48 19.54
CA GLU A 388 18.05 -9.28 18.59
C GLU A 388 17.52 -8.43 17.44
N LEU A 389 18.41 -8.05 16.53
CA LEU A 389 18.00 -7.36 15.32
C LEU A 389 19.00 -7.59 14.21
N GLN A 390 18.50 -8.20 13.12
CA GLN A 390 19.33 -8.45 11.94
C GLN A 390 19.12 -7.33 10.93
N PRO A 391 20.19 -6.90 10.26
CA PRO A 391 20.10 -5.84 9.25
C PRO A 391 19.22 -6.27 8.10
N GLY A 392 18.87 -5.32 7.25
CA GLY A 392 18.02 -5.63 6.11
C GLY A 392 16.60 -5.12 6.23
N PHE A 393 15.69 -5.78 5.52
CA PHE A 393 14.35 -5.25 5.32
C PHE A 393 13.28 -5.91 6.20
N TYR A 394 12.31 -5.10 6.63
CA TYR A 394 11.21 -5.55 7.47
C TYR A 394 9.92 -4.84 7.07
N GLU A 395 8.84 -5.61 6.89
CA GLU A 395 7.56 -5.02 6.49
C GLU A 395 6.42 -5.33 7.46
N VAL A 396 5.38 -4.50 7.41
CA VAL A 396 4.14 -4.77 8.13
C VAL A 396 3.49 -6.07 7.65
N PRO A 397 2.70 -6.72 8.51
CA PRO A 397 2.03 -7.96 8.10
C PRO A 397 1.00 -7.65 7.02
N PRO A 398 0.70 -8.62 6.14
CA PRO A 398 -0.17 -8.37 4.98
C PRO A 398 -1.54 -7.75 5.32
N SER A 399 -2.10 -8.05 6.49
CA SER A 399 -3.38 -7.45 6.87
C SER A 399 -3.26 -5.98 7.23
N ALA A 400 -2.03 -5.46 7.17
CA ALA A 400 -1.79 -4.05 7.45
C ALA A 400 -1.16 -3.38 6.24
N ARG A 401 -1.07 -4.13 5.14
CA ARG A 401 -0.47 -3.62 3.90
C ARG A 401 -1.36 -2.59 3.21
N ARG A 402 -0.78 -1.44 2.87
CA ARG A 402 -1.51 -0.44 2.09
C ARG A 402 -1.43 -0.78 0.61
N HIS A 403 -2.45 -0.40 -0.14
CA HIS A 403 -2.56 -0.78 -1.55
C HIS A 403 -1.27 -0.58 -2.38
N LEU A 404 -0.58 0.53 -2.20
CA LEU A 404 0.62 0.80 -2.98
C LEU A 404 1.90 0.19 -2.39
N SER A 405 1.88 -0.13 -1.09
CA SER A 405 3.03 -0.75 -0.42
C SER A 405 3.61 -1.95 -1.17
N LYS A 406 4.77 -1.75 -1.79
CA LYS A 406 5.49 -2.88 -2.39
C LYS A 406 6.01 -3.82 -1.30
N PRO A 407 5.55 -5.07 -1.31
CA PRO A 407 5.94 -6.03 -0.29
C PRO A 407 7.30 -6.70 -0.60
N LEU A 408 7.99 -7.18 0.43
CA LEU A 408 9.36 -7.68 0.30
C LEU A 408 9.48 -8.75 -0.78
N ILE A 409 8.50 -9.63 -0.85
CA ILE A 409 8.51 -10.75 -1.78
C ILE A 409 8.74 -10.35 -3.26
N ARG A 410 8.67 -9.05 -3.54
CA ARG A 410 8.71 -8.57 -4.92
C ARG A 410 9.94 -7.70 -5.21
N MET A 411 10.73 -7.46 -4.17
CA MET A 411 12.03 -6.76 -4.31
C MET A 411 13.18 -7.78 -4.24
N ASN A 412 13.97 -7.87 -5.30
CA ASN A 412 15.00 -8.93 -5.38
C ASN A 412 16.22 -8.74 -4.47
N VAL A 413 16.13 -7.79 -3.55
CA VAL A 413 17.23 -7.46 -2.67
C VAL A 413 17.41 -8.47 -1.53
N GLU A 414 18.40 -8.22 -0.67
CA GLU A 414 18.86 -9.20 0.31
C GLU A 414 18.53 -8.85 1.76
N GLY A 415 18.35 -9.89 2.58
CA GLY A 415 18.13 -9.71 3.99
C GLY A 415 16.68 -9.48 4.29
N ARG A 416 15.82 -9.97 3.39
CA ARG A 416 14.37 -9.76 3.48
C ARG A 416 13.74 -10.65 4.54
N HIS A 417 13.28 -10.03 5.62
CA HIS A 417 12.68 -10.78 6.71
C HIS A 417 11.18 -11.02 6.54
N ILE A 418 10.84 -11.84 5.56
CA ILE A 418 9.46 -12.20 5.30
C ILE A 418 8.97 -13.16 6.37
N PHE A 419 7.99 -12.73 7.15
CA PHE A 419 7.49 -13.53 8.27
C PHE A 419 6.29 -14.38 7.91
N ARG A 420 6.48 -15.70 7.87
CA ARG A 420 5.39 -16.63 7.62
C ARG A 420 5.40 -17.76 8.66
#